data_6P8P
#
_entry.id   6P8P
#
_cell.length_a   97.525
_cell.length_b   97.525
_cell.length_c   60.134
_cell.angle_alpha   90.00
_cell.angle_beta   90.00
_cell.angle_gamma   90.00
#
_symmetry.space_group_name_H-M   'P 4'
#
loop_
_entity.id
_entity.type
_entity.pdbx_description
1 polymer 'Uncharacterized protein'
2 non-polymer 'CALCIUM ION'
3 water water
#
_entity_poly.entity_id   1
_entity_poly.type   'polypeptide(L)'
_entity_poly.pdbx_seq_one_letter_code
;MTTVVSRTFRSSPHRDALQTWDAIVELLTQGKDGTARSELRAVTGVAASLIADQAPKSAPIVATCDGPRTRIYCLFDEDA
IDGDDANEEVLGFEPLKGDWGMSLPCPKEQLGWVQSALKKHSSRIIARDLSQGIATQAQADAGQAMSLDLGGFLKS
;
_entity_poly.pdbx_strand_id   A,B,C,D
#
# COMPACT_ATOMS: atom_id res chain seq x y z
N THR A 3 13.76 0.35 15.32
CA THR A 3 12.31 0.22 15.13
C THR A 3 11.63 1.58 15.21
N VAL A 4 10.76 1.85 14.25
CA VAL A 4 9.98 3.09 14.20
C VAL A 4 8.53 2.71 13.94
N VAL A 5 7.61 3.29 14.71
CA VAL A 5 6.18 3.06 14.53
C VAL A 5 5.53 4.42 14.40
N SER A 6 4.36 4.46 13.79
CA SER A 6 3.68 5.75 13.61
C SER A 6 2.26 5.66 14.10
N ARG A 7 1.72 6.81 14.49
CA ARG A 7 0.34 6.93 14.91
C ARG A 7 -0.19 8.22 14.28
N THR A 8 -1.51 8.28 14.14
CA THR A 8 -2.17 9.41 13.50
C THR A 8 -3.43 9.69 14.30
N PHE A 9 -3.47 10.87 14.91
CA PHE A 9 -4.59 11.26 15.76
C PHE A 9 -5.51 12.23 15.05
N ARG A 10 -6.81 12.05 15.25
CA ARG A 10 -7.83 12.98 14.76
C ARG A 10 -7.85 14.25 15.61
N SER A 11 -7.55 15.38 14.99
CA SER A 11 -7.50 16.65 15.71
C SER A 11 -8.67 17.51 15.27
N SER A 12 -8.45 18.81 15.16
CA SER A 12 -9.56 19.73 14.93
C SER A 12 -10.19 19.48 13.58
N PRO A 13 -11.53 19.46 13.46
CA PRO A 13 -12.54 19.78 14.48
C PRO A 13 -13.12 18.61 15.24
N HIS A 14 -12.50 17.45 15.19
CA HIS A 14 -12.98 16.31 15.96
C HIS A 14 -12.60 16.41 17.42
N ARG A 15 -11.36 16.86 17.68
CA ARG A 15 -10.86 17.21 19.00
C ARG A 15 -10.31 18.63 18.91
N ASP A 16 -10.45 19.43 19.96
CA ASP A 16 -9.71 20.69 19.95
C ASP A 16 -8.22 20.41 20.22
N ALA A 17 -7.40 21.44 20.01
CA ALA A 17 -5.95 21.24 20.04
C ALA A 17 -5.46 20.73 21.38
N LEU A 18 -6.10 21.15 22.47
CA LEU A 18 -5.67 20.66 23.77
C LEU A 18 -6.15 19.22 24.00
N GLN A 19 -7.37 18.89 23.55
CA GLN A 19 -7.83 17.50 23.65
C GLN A 19 -6.92 16.58 22.86
N THR A 20 -6.41 17.06 21.73
CA THR A 20 -5.49 16.29 20.91
C THR A 20 -4.18 16.05 21.68
N TRP A 21 -3.62 17.09 22.27
CA TRP A 21 -2.39 16.88 23.06
C TRP A 21 -2.63 15.92 24.22
N ASP A 22 -3.74 16.08 24.92
CA ASP A 22 -4.04 15.18 26.03
C ASP A 22 -4.10 13.73 25.55
N ALA A 23 -4.65 13.50 24.35
CA ALA A 23 -4.73 12.12 23.85
C ALA A 23 -3.33 11.59 23.54
N ILE A 24 -2.45 12.48 23.04
CA ILE A 24 -1.06 12.11 22.75
C ILE A 24 -0.29 11.85 24.03
N VAL A 25 -0.51 12.66 25.05
CA VAL A 25 0.16 12.41 26.32
C VAL A 25 -0.25 11.06 26.88
N GLU A 26 -1.53 10.73 26.80
CA GLU A 26 -1.95 9.41 27.30
C GLU A 26 -1.31 8.28 26.50
N LEU A 27 -1.24 8.41 25.17
CA LEU A 27 -0.58 7.41 24.35
C LEU A 27 0.85 7.18 24.81
N LEU A 28 1.55 8.26 25.13
CA LEU A 28 2.99 8.15 25.42
C LEU A 28 3.32 7.82 26.86
N THR A 29 2.40 8.04 27.80
CA THR A 29 2.69 7.82 29.21
C THR A 29 1.92 6.67 29.81
N GLN A 30 0.80 6.29 29.21
CA GLN A 30 0.15 5.00 29.51
C GLN A 30 -0.24 4.91 30.98
N GLY A 31 -0.78 6.00 31.51
CA GLY A 31 -1.26 6.03 32.86
C GLY A 31 -0.21 6.16 33.95
N LYS A 32 1.05 6.39 33.61
CA LYS A 32 2.10 6.46 34.63
C LYS A 32 2.27 7.89 35.11
N ASP A 33 2.08 8.10 36.41
CA ASP A 33 2.23 9.41 37.08
C ASP A 33 3.71 9.59 37.41
N GLY A 34 4.43 10.26 36.53
CA GLY A 34 5.84 10.48 36.74
C GLY A 34 6.33 11.79 36.17
N THR A 35 7.64 12.01 36.19
CA THR A 35 8.17 13.27 35.67
C THR A 35 7.95 13.40 34.17
N ALA A 36 8.01 12.31 33.41
CA ALA A 36 7.76 12.43 31.97
C ALA A 36 6.36 12.98 31.70
N ARG A 37 5.34 12.41 32.34
CA ARG A 37 3.99 12.89 32.10
C ARG A 37 3.84 14.32 32.57
N SER A 38 4.47 14.65 33.72
CA SER A 38 4.42 16.03 34.21
C SER A 38 5.03 16.99 33.22
N GLU A 39 6.16 16.61 32.61
CA GLU A 39 6.80 17.52 31.65
C GLU A 39 5.94 17.68 30.41
N LEU A 40 5.39 16.59 29.89
CA LEU A 40 4.51 16.69 28.72
C LEU A 40 3.30 17.58 29.01
N ARG A 41 2.71 17.44 30.20
CA ARG A 41 1.58 18.28 30.56
C ARG A 41 2.01 19.72 30.76
N ALA A 42 3.25 19.93 31.21
CA ALA A 42 3.71 21.30 31.47
C ALA A 42 3.83 22.13 30.17
N VAL A 43 4.08 21.49 29.04
CA VAL A 43 4.25 22.19 27.77
C VAL A 43 2.94 22.24 26.97
N THR A 44 1.81 21.97 27.63
CA THR A 44 0.53 21.88 26.92
C THR A 44 0.23 23.16 26.14
N GLY A 45 0.50 24.32 26.72
CA GLY A 45 0.20 25.55 26.00
C GLY A 45 0.93 25.63 24.67
N VAL A 46 2.22 25.32 24.69
CA VAL A 46 3.02 25.36 23.48
C VAL A 46 2.55 24.27 22.51
N ALA A 47 2.40 23.05 23.02
CA ALA A 47 2.09 21.94 22.13
C ALA A 47 0.74 22.11 21.48
N ALA A 48 -0.27 22.53 22.27
CA ALA A 48 -1.58 22.82 21.69
C ALA A 48 -1.51 23.95 20.69
N SER A 49 -0.70 24.97 20.95
CA SER A 49 -0.55 26.04 19.97
C SER A 49 -0.09 25.51 18.63
N LEU A 50 0.90 24.62 18.64
CA LEU A 50 1.44 24.07 17.42
C LEU A 50 0.42 23.17 16.72
N ILE A 51 -0.33 22.39 17.48
CA ILE A 51 -1.39 21.58 16.89
C ILE A 51 -2.44 22.47 16.24
N ALA A 52 -2.82 23.56 16.92
CA ALA A 52 -3.81 24.46 16.34
C ALA A 52 -3.31 25.06 15.03
N ASP A 53 -2.01 25.21 14.87
CA ASP A 53 -1.41 25.68 13.63
C ASP A 53 -1.16 24.55 12.64
N GLN A 54 -1.62 23.33 12.95
CA GLN A 54 -1.50 22.13 12.09
C GLN A 54 -0.06 21.76 11.81
N ALA A 55 0.83 22.09 12.74
CA ALA A 55 2.23 21.74 12.55
C ALA A 55 2.43 20.24 12.38
N PRO A 56 1.70 19.35 13.09
CA PRO A 56 1.96 17.91 12.90
C PRO A 56 1.19 17.27 11.75
N LYS A 57 0.65 18.06 10.82
CA LYS A 57 -0.07 17.46 9.71
C LYS A 57 0.88 16.68 8.80
N SER A 58 2.02 17.29 8.45
CA SER A 58 2.94 16.69 7.49
C SER A 58 4.33 16.46 8.06
N ALA A 59 4.56 16.77 9.33
CA ALA A 59 5.83 16.60 9.99
C ALA A 59 5.44 16.01 11.35
N PRO A 60 5.99 14.88 11.75
CA PRO A 60 5.48 14.22 12.97
C PRO A 60 6.04 14.81 14.26
N ILE A 61 5.25 14.70 15.31
CA ILE A 61 5.76 14.70 16.68
C ILE A 61 6.55 13.41 16.88
N VAL A 62 7.80 13.52 17.29
CA VAL A 62 8.66 12.33 17.39
C VAL A 62 9.11 12.11 18.82
N ALA A 63 8.75 10.96 19.37
CA ALA A 63 9.23 10.53 20.67
C ALA A 63 10.36 9.52 20.47
N THR A 64 11.44 9.70 21.23
CA THR A 64 12.60 8.80 21.26
C THR A 64 12.79 8.29 22.68
N CYS A 65 13.34 7.09 22.80
CA CYS A 65 13.47 6.49 24.12
C CYS A 65 14.46 5.32 24.00
N ASP A 66 14.68 4.64 25.12
N ASP A 66 14.68 4.62 25.10
CA ASP A 66 15.34 3.33 25.12
CA ASP A 66 15.38 3.34 25.08
C ASP A 66 14.33 2.31 24.57
C ASP A 66 14.38 2.30 24.57
N GLY A 67 14.24 2.28 23.25
CA GLY A 67 13.23 1.48 22.59
C GLY A 67 12.84 2.11 21.28
N PRO A 68 11.68 1.71 20.75
CA PRO A 68 11.28 2.20 19.42
C PRO A 68 10.99 3.69 19.41
N ARG A 69 11.23 4.30 18.25
CA ARG A 69 10.83 5.68 17.99
C ARG A 69 9.38 5.71 17.57
N THR A 70 8.66 6.75 18.01
CA THR A 70 7.24 6.90 17.69
C THR A 70 7.07 8.20 16.93
N ARG A 71 6.46 8.12 15.76
CA ARG A 71 6.10 9.29 14.95
C ARG A 71 4.60 9.51 15.06
N ILE A 72 4.19 10.72 15.48
CA ILE A 72 2.77 10.99 15.65
C ILE A 72 2.35 12.11 14.72
N TYR A 73 1.42 11.82 13.83
CA TYR A 73 0.81 12.79 12.95
C TYR A 73 -0.58 13.15 13.47
N CYS A 74 -1.06 14.30 13.04
CA CYS A 74 -2.42 14.72 13.33
C CYS A 74 -3.19 14.95 12.04
N LEU A 75 -4.47 14.60 12.05
CA LEU A 75 -5.40 14.84 10.96
C LEU A 75 -6.29 16.03 11.30
N PHE A 76 -6.64 16.81 10.28
CA PHE A 76 -7.43 18.00 10.46
C PHE A 76 -8.56 18.04 9.43
N ASP A 77 -9.55 18.87 9.74
CA ASP A 77 -10.62 19.22 8.81
C ASP A 77 -11.33 17.93 8.40
N GLU A 78 -11.63 17.72 7.12
CA GLU A 78 -12.43 16.57 6.73
C GLU A 78 -11.76 15.26 7.11
N ASP A 79 -10.42 15.22 7.04
CA ASP A 79 -9.71 14.00 7.42
C ASP A 79 -9.97 13.65 8.89
N ALA A 80 -10.03 14.66 9.75
CA ALA A 80 -10.31 14.40 11.16
C ALA A 80 -11.74 13.96 11.38
N ILE A 81 -12.68 14.56 10.63
CA ILE A 81 -14.08 14.19 10.75
C ILE A 81 -14.29 12.76 10.26
N ASP A 82 -13.72 12.44 9.09
CA ASP A 82 -13.82 11.09 8.55
C ASP A 82 -13.16 10.07 9.47
N GLY A 83 -11.88 10.28 9.78
CA GLY A 83 -11.12 9.37 10.61
C GLY A 83 -10.55 8.16 9.90
N ASP A 84 -10.69 8.08 8.57
CA ASP A 84 -10.26 6.88 7.85
C ASP A 84 -8.76 6.64 7.99
N ASP A 85 -7.95 7.71 8.00
CA ASP A 85 -6.51 7.55 8.09
C ASP A 85 -6.02 7.51 9.54
N ALA A 86 -6.93 7.56 10.51
CA ALA A 86 -6.50 7.60 11.90
C ALA A 86 -5.92 6.27 12.35
N ASN A 87 -4.97 6.35 13.27
CA ASN A 87 -4.41 5.17 13.92
C ASN A 87 -4.03 5.61 15.33
N GLU A 88 -4.91 5.32 16.29
CA GLU A 88 -4.71 5.69 17.69
C GLU A 88 -4.51 4.48 18.57
N GLU A 89 -4.03 3.37 18.00
CA GLU A 89 -3.84 2.15 18.77
C GLU A 89 -2.85 2.38 19.90
N VAL A 90 -3.06 1.66 21.00
CA VAL A 90 -2.08 1.66 22.08
C VAL A 90 -0.74 1.13 21.57
N LEU A 91 0.32 1.69 22.11
CA LEU A 91 1.67 1.30 21.72
C LEU A 91 2.10 0.08 22.51
N GLY A 92 2.77 -0.85 21.81
CA GLY A 92 3.18 -2.10 22.43
C GLY A 92 4.56 -2.06 23.07
N PHE A 93 4.88 -0.95 23.74
CA PHE A 93 6.15 -0.74 24.43
C PHE A 93 5.98 0.52 25.28
N GLU A 94 6.95 0.74 26.19
CA GLU A 94 6.97 1.94 27.03
C GLU A 94 7.58 3.09 26.22
N PRO A 95 6.78 4.05 25.73
CA PRO A 95 7.26 4.92 24.65
C PRO A 95 8.25 6.00 25.12
N LEU A 96 8.36 6.27 26.41
CA LEU A 96 9.34 7.22 26.93
C LEU A 96 10.33 6.56 27.88
N LYS A 97 10.61 5.29 27.66
CA LYS A 97 11.51 4.55 28.54
C LYS A 97 12.90 5.16 28.56
N GLY A 98 13.45 5.31 29.76
CA GLY A 98 14.85 5.66 29.87
C GLY A 98 15.13 7.09 29.47
N ASP A 99 16.19 7.28 28.69
CA ASP A 99 16.66 8.60 28.25
C ASP A 99 15.80 9.05 27.08
N TRP A 100 14.66 9.63 27.41
CA TRP A 100 13.64 9.92 26.41
C TRP A 100 13.76 11.36 25.91
N GLY A 101 13.17 11.60 24.74
CA GLY A 101 13.07 12.93 24.21
C GLY A 101 11.86 13.04 23.32
N MET A 102 11.50 14.28 23.01
N MET A 102 11.51 14.27 23.00
CA MET A 102 10.39 14.54 22.10
CA MET A 102 10.41 14.53 22.08
C MET A 102 10.73 15.74 21.23
C MET A 102 10.79 15.71 21.21
N SER A 103 10.42 15.63 19.94
CA SER A 103 10.71 16.68 18.98
C SER A 103 9.40 17.11 18.35
N LEU A 104 9.02 18.34 18.62
CA LEU A 104 7.78 18.91 18.11
C LEU A 104 8.02 19.70 16.84
N PRO A 105 7.22 19.46 15.81
CA PRO A 105 7.32 20.26 14.59
C PRO A 105 6.80 21.67 14.82
N CYS A 106 7.47 22.62 14.20
CA CYS A 106 7.14 24.02 14.39
C CYS A 106 7.49 24.84 13.18
N PRO A 107 6.61 25.73 12.74
CA PRO A 107 6.96 26.62 11.63
C PRO A 107 8.19 27.43 11.98
N LYS A 108 9.12 27.55 11.03
CA LYS A 108 10.41 28.15 11.34
C LYS A 108 10.24 29.54 11.95
N GLU A 109 9.24 30.30 11.50
CA GLU A 109 9.07 31.68 11.97
C GLU A 109 8.67 31.74 13.44
N GLN A 110 8.10 30.67 13.99
CA GLN A 110 7.72 30.64 15.39
C GLN A 110 8.76 29.96 16.27
N LEU A 111 9.87 29.49 15.71
CA LEU A 111 10.77 28.67 16.50
C LEU A 111 11.36 29.47 17.65
N GLY A 112 11.62 30.75 17.44
CA GLY A 112 12.20 31.57 18.48
C GLY A 112 11.41 31.53 19.76
N TRP A 113 10.12 31.87 19.68
CA TRP A 113 9.32 31.89 20.90
C TRP A 113 9.04 30.47 21.40
N VAL A 114 8.83 29.54 20.47
CA VAL A 114 8.48 28.18 20.90
C VAL A 114 9.63 27.53 21.63
N GLN A 115 10.85 27.63 21.11
CA GLN A 115 11.97 26.96 21.76
C GLN A 115 12.22 27.56 23.14
N SER A 116 12.09 28.89 23.27
CA SER A 116 12.22 29.50 24.58
C SER A 116 11.13 29.06 25.54
N ALA A 117 9.89 28.98 25.08
CA ALA A 117 8.79 28.54 25.92
C ALA A 117 8.98 27.11 26.39
N LEU A 118 9.48 26.23 25.50
CA LEU A 118 9.70 24.85 25.91
C LEU A 118 10.81 24.77 26.94
N LYS A 119 11.87 25.56 26.76
CA LYS A 119 13.05 25.48 27.62
C LYS A 119 12.69 25.80 29.06
N LYS A 120 11.59 26.51 29.29
CA LYS A 120 11.18 26.79 30.64
C LYS A 120 10.79 25.52 31.40
N HIS A 121 10.30 24.50 30.68
CA HIS A 121 9.70 23.35 31.32
C HIS A 121 10.50 22.07 31.16
N SER A 122 11.40 22.01 30.18
CA SER A 122 11.98 20.72 29.81
C SER A 122 13.24 20.97 29.00
N SER A 123 14.21 20.07 29.17
CA SER A 123 15.32 19.96 28.22
C SER A 123 15.15 18.78 27.27
N ARG A 124 14.17 17.92 27.53
CA ARG A 124 13.96 16.74 26.69
C ARG A 124 12.96 17.00 25.59
N ILE A 125 12.05 17.95 25.79
CA ILE A 125 11.06 18.29 24.79
C ILE A 125 11.58 19.50 24.04
N ILE A 126 11.80 19.35 22.74
CA ILE A 126 12.36 20.40 21.91
C ILE A 126 11.48 20.56 20.67
N ALA A 127 11.73 21.63 19.93
CA ALA A 127 11.04 21.91 18.69
C ALA A 127 12.02 22.00 17.54
N ARG A 128 11.55 21.65 16.37
CA ARG A 128 12.34 21.75 15.15
C ARG A 128 11.53 22.39 14.04
N ASP A 129 12.24 23.03 13.10
CA ASP A 129 11.67 23.48 11.84
C ASP A 129 10.96 22.33 11.14
N LEU A 130 9.67 22.53 10.88
CA LEU A 130 8.87 21.42 10.38
C LEU A 130 9.21 21.05 8.93
N SER A 131 10.09 21.79 8.27
CA SER A 131 10.54 21.38 6.94
C SER A 131 11.67 20.37 7.00
N GLN A 132 12.15 20.06 8.20
CA GLN A 132 13.24 19.10 8.40
C GLN A 132 12.81 17.99 9.36
N GLY A 133 13.55 16.88 9.30
CA GLY A 133 13.40 15.81 10.26
C GLY A 133 14.23 16.05 11.50
N ILE A 134 14.32 15.02 12.33
CA ILE A 134 15.15 15.14 13.53
C ILE A 134 16.64 15.00 13.24
N THR B 3 -12.26 4.30 -21.70
CA THR B 3 -11.10 3.75 -21.00
C THR B 3 -10.55 4.82 -20.04
N VAL B 4 -10.38 4.44 -18.79
CA VAL B 4 -9.81 5.30 -17.77
C VAL B 4 -8.62 4.57 -17.16
N VAL B 5 -7.51 5.29 -16.98
CA VAL B 5 -6.34 4.73 -16.29
C VAL B 5 -5.96 5.72 -15.20
N SER B 6 -5.25 5.19 -14.21
CA SER B 6 -4.85 5.96 -13.05
C SER B 6 -3.35 5.83 -12.81
N ARG B 7 -2.77 6.91 -12.30
CA ARG B 7 -1.38 6.93 -11.89
C ARG B 7 -1.32 7.64 -10.56
N THR B 8 -0.31 7.31 -9.76
CA THR B 8 -0.15 7.88 -8.44
C THR B 8 1.31 8.25 -8.23
N PHE B 9 1.57 9.53 -8.01
CA PHE B 9 2.93 10.02 -7.91
C PHE B 9 3.32 10.37 -6.49
N ARG B 10 4.56 10.08 -6.14
CA ARG B 10 5.12 10.39 -4.83
C ARG B 10 5.48 11.86 -4.81
N SER B 11 4.80 12.65 -3.98
CA SER B 11 5.06 14.08 -3.90
C SER B 11 5.82 14.39 -2.61
N SER B 12 5.51 15.50 -1.97
CA SER B 12 6.31 15.96 -0.84
C SER B 12 6.17 15.01 0.35
N PRO B 13 7.27 14.68 1.06
CA PRO B 13 8.63 15.23 0.93
C PRO B 13 9.61 14.44 0.10
N HIS B 14 9.10 13.51 -0.70
CA HIS B 14 9.99 12.77 -1.59
C HIS B 14 10.37 13.61 -2.81
N ARG B 15 9.42 14.33 -3.36
CA ARG B 15 9.63 15.33 -4.41
C ARG B 15 9.04 16.63 -3.88
N ASP B 16 9.66 17.77 -4.20
CA ASP B 16 8.94 19.00 -3.87
C ASP B 16 7.82 19.22 -4.88
N ALA B 17 7.00 20.25 -4.65
CA ALA B 17 5.77 20.38 -5.41
C ALA B 17 6.05 20.62 -6.89
N LEU B 18 7.11 21.38 -7.19
CA LEU B 18 7.46 21.65 -8.58
C LEU B 18 8.04 20.41 -9.25
N GLN B 19 8.89 19.67 -8.53
CA GLN B 19 9.40 18.40 -9.04
C GLN B 19 8.26 17.41 -9.31
N THR B 20 7.22 17.45 -8.48
CA THR B 20 6.06 16.59 -8.73
C THR B 20 5.35 17.00 -10.01
N TRP B 21 5.14 18.31 -10.20
CA TRP B 21 4.48 18.76 -11.42
C TRP B 21 5.31 18.40 -12.63
N ASP B 22 6.63 18.58 -12.55
CA ASP B 22 7.46 18.26 -13.71
C ASP B 22 7.37 16.78 -14.07
N ALA B 23 7.29 15.93 -13.06
CA ALA B 23 7.12 14.50 -13.32
C ALA B 23 5.78 14.21 -13.97
N ILE B 24 4.74 14.92 -13.56
CA ILE B 24 3.44 14.77 -14.21
C ILE B 24 3.47 15.29 -15.65
N VAL B 25 4.14 16.43 -15.88
CA VAL B 25 4.25 16.96 -17.23
C VAL B 25 4.94 15.94 -18.15
N GLU B 26 6.02 15.31 -17.67
CA GLU B 26 6.74 14.34 -18.49
C GLU B 26 5.84 13.14 -18.76
N LEU B 27 5.12 12.67 -17.75
CA LEU B 27 4.20 11.56 -17.96
C LEU B 27 3.19 11.87 -19.06
N LEU B 28 2.70 13.09 -19.11
CA LEU B 28 1.64 13.44 -20.05
C LEU B 28 2.11 13.89 -21.42
N THR B 29 3.36 14.30 -21.57
CA THR B 29 3.85 14.84 -22.83
C THR B 29 4.97 13.99 -23.44
N GLN B 30 5.64 13.15 -22.65
CA GLN B 30 6.50 12.09 -23.17
C GLN B 30 7.59 12.65 -24.07
N GLY B 31 8.15 13.78 -23.66
CA GLY B 31 9.30 14.35 -24.35
C GLY B 31 8.99 15.14 -25.59
N LYS B 32 7.72 15.36 -25.91
CA LYS B 32 7.35 16.08 -27.13
C LYS B 32 7.37 17.59 -26.87
N ASP B 33 8.21 18.30 -27.62
CA ASP B 33 8.34 19.76 -27.55
C ASP B 33 7.23 20.35 -28.41
N GLY B 34 6.13 20.72 -27.78
CA GLY B 34 4.98 21.24 -28.50
C GLY B 34 4.13 22.13 -27.62
N THR B 35 2.98 22.56 -28.13
CA THR B 35 2.19 23.54 -27.39
C THR B 35 1.63 22.92 -26.12
N ALA B 36 1.34 21.61 -26.12
CA ALA B 36 0.76 21.01 -24.92
C ALA B 36 1.76 21.07 -23.77
N ARG B 37 2.99 20.64 -24.02
CA ARG B 37 3.99 20.75 -22.97
C ARG B 37 4.20 22.20 -22.54
N SER B 38 4.23 23.13 -23.50
CA SER B 38 4.41 24.54 -23.14
C SER B 38 3.29 25.05 -22.24
N GLU B 39 2.04 24.63 -22.53
CA GLU B 39 0.92 25.09 -21.72
C GLU B 39 0.99 24.52 -20.32
N LEU B 40 1.30 23.22 -20.20
CA LEU B 40 1.43 22.64 -18.86
C LEU B 40 2.56 23.30 -18.08
N ARG B 41 3.66 23.63 -18.76
CA ARG B 41 4.73 24.32 -18.04
C ARG B 41 4.34 25.73 -17.67
N ALA B 42 3.52 26.38 -18.50
CA ALA B 42 3.12 27.77 -18.21
C ALA B 42 2.33 27.88 -16.92
N VAL B 43 1.60 26.83 -16.55
CA VAL B 43 0.81 26.85 -15.32
C VAL B 43 1.52 26.20 -14.14
N THR B 44 2.85 26.12 -14.23
CA THR B 44 3.60 25.48 -13.15
C THR B 44 3.35 26.13 -11.79
N GLY B 45 3.35 27.47 -11.72
CA GLY B 45 3.15 28.12 -10.43
C GLY B 45 1.85 27.72 -9.75
N VAL B 46 0.76 27.72 -10.52
CA VAL B 46 -0.54 27.34 -9.98
C VAL B 46 -0.57 25.85 -9.66
N ALA B 47 -0.06 25.02 -10.57
CA ALA B 47 -0.17 23.58 -10.36
C ALA B 47 0.66 23.14 -9.15
N ALA B 48 1.86 23.69 -9.00
CA ALA B 48 2.67 23.38 -7.84
C ALA B 48 2.03 23.90 -6.57
N SER B 49 1.39 25.05 -6.62
CA SER B 49 0.71 25.57 -5.42
C SER B 49 -0.36 24.58 -4.97
N LEU B 50 -1.10 24.04 -5.92
CA LEU B 50 -2.16 23.10 -5.58
C LEU B 50 -1.60 21.80 -5.03
N ILE B 51 -0.51 21.30 -5.62
CA ILE B 51 0.17 20.11 -5.10
C ILE B 51 0.70 20.36 -3.69
N ALA B 52 1.30 21.53 -3.46
CA ALA B 52 1.79 21.87 -2.13
C ALA B 52 0.67 21.89 -1.09
N ASP B 53 -0.56 22.16 -1.50
CA ASP B 53 -1.72 22.13 -0.62
C ASP B 53 -2.40 20.76 -0.60
N GLN B 54 -1.77 19.78 -1.23
CA GLN B 54 -2.25 18.39 -1.23
C GLN B 54 -3.60 18.23 -1.91
N ALA B 55 -3.92 19.12 -2.85
CA ALA B 55 -5.20 19.03 -3.52
C ALA B 55 -5.39 17.70 -4.24
N PRO B 56 -4.34 17.10 -4.87
CA PRO B 56 -4.57 15.83 -5.59
C PRO B 56 -4.43 14.58 -4.70
N LYS B 57 -4.50 14.75 -3.39
CA LYS B 57 -4.35 13.58 -2.51
C LYS B 57 -5.54 12.64 -2.62
N SER B 58 -6.76 13.17 -2.59
CA SER B 58 -7.97 12.35 -2.70
C SER B 58 -8.78 12.59 -3.96
N ALA B 59 -8.57 13.70 -4.65
CA ALA B 59 -9.26 14.04 -5.89
C ALA B 59 -8.21 14.10 -6.98
N PRO B 60 -8.43 13.49 -8.14
CA PRO B 60 -7.34 13.42 -9.12
C PRO B 60 -7.28 14.62 -10.06
N ILE B 61 -6.05 14.90 -10.49
CA ILE B 61 -5.82 15.59 -11.74
C ILE B 61 -6.32 14.69 -12.86
N VAL B 62 -7.20 15.22 -13.71
CA VAL B 62 -7.79 14.40 -14.79
C VAL B 62 -7.42 14.99 -16.13
N ALA B 63 -6.76 14.18 -16.98
CA ALA B 63 -6.44 14.55 -18.34
C ALA B 63 -7.41 13.85 -19.26
N THR B 64 -7.92 14.57 -20.25
CA THR B 64 -8.80 14.02 -21.27
C THR B 64 -8.19 14.28 -22.64
N CYS B 65 -8.44 13.38 -23.60
CA CYS B 65 -7.83 13.52 -24.90
C CYS B 65 -8.64 12.69 -25.91
N ASP B 66 -8.18 12.66 -27.14
CA ASP B 66 -8.63 11.69 -28.13
C ASP B 66 -8.00 10.35 -27.76
N GLY B 67 -8.65 9.66 -26.82
CA GLY B 67 -8.09 8.45 -26.26
C GLY B 67 -8.47 8.31 -24.80
N PRO B 68 -7.73 7.50 -24.04
CA PRO B 68 -8.12 7.25 -22.64
C PRO B 68 -7.98 8.47 -21.76
N ARG B 69 -8.81 8.52 -20.73
CA ARG B 69 -8.71 9.54 -19.69
C ARG B 69 -7.70 9.07 -18.65
N THR B 70 -6.91 10.01 -18.12
CA THR B 70 -5.90 9.70 -17.14
C THR B 70 -6.22 10.40 -15.83
N ARG B 71 -6.29 9.64 -14.75
CA ARG B 71 -6.44 10.21 -13.42
C ARG B 71 -5.12 10.15 -12.70
N ILE B 72 -4.63 11.28 -12.19
CA ILE B 72 -3.36 11.31 -11.48
C ILE B 72 -3.59 11.77 -10.06
N TYR B 73 -3.16 10.96 -9.10
CA TYR B 73 -3.18 11.25 -7.68
C TYR B 73 -1.74 11.46 -7.20
N CYS B 74 -1.63 12.13 -6.06
CA CYS B 74 -0.34 12.34 -5.43
C CYS B 74 -0.35 11.77 -4.02
N LEU B 75 0.78 11.21 -3.62
CA LEU B 75 1.03 10.74 -2.27
C LEU B 75 1.88 11.75 -1.51
N PHE B 76 1.62 11.89 -0.21
CA PHE B 76 2.33 12.84 0.63
C PHE B 76 2.82 12.19 1.91
N ASP B 77 3.79 12.85 2.55
CA ASP B 77 4.26 12.49 3.88
C ASP B 77 4.69 11.02 3.90
N GLU B 78 4.26 10.22 4.87
CA GLU B 78 4.79 8.86 4.97
C GLU B 78 4.49 8.04 3.73
N ASP B 79 3.32 8.23 3.13
CA ASP B 79 3.01 7.52 1.88
C ASP B 79 4.03 7.85 0.79
N ALA B 80 4.47 9.10 0.74
CA ALA B 80 5.44 9.51 -0.27
C ALA B 80 6.83 8.96 0.05
N ILE B 81 7.18 8.92 1.33
CA ILE B 81 8.49 8.42 1.74
C ILE B 81 8.64 6.93 1.42
N ASP B 82 7.63 6.13 1.72
CA ASP B 82 7.77 4.70 1.48
C ASP B 82 7.34 4.30 0.08
N GLY B 83 6.47 5.07 -0.56
CA GLY B 83 6.16 4.84 -1.93
C GLY B 83 5.31 3.63 -2.19
N ASP B 84 4.72 3.04 -1.16
CA ASP B 84 4.10 1.74 -1.33
C ASP B 84 2.90 1.78 -2.27
N ASP B 85 2.17 2.89 -2.30
CA ASP B 85 0.99 3.01 -3.16
C ASP B 85 1.27 3.73 -4.48
N ALA B 86 2.53 3.93 -4.81
CA ALA B 86 2.88 4.67 -6.03
C ALA B 86 2.62 3.83 -7.27
N ASN B 87 2.26 4.52 -8.34
CA ASN B 87 2.21 3.92 -9.69
C ASN B 87 2.60 5.01 -10.67
N GLU B 88 3.88 5.01 -11.07
CA GLU B 88 4.41 6.01 -11.99
C GLU B 88 4.81 5.38 -13.33
N GLU B 89 4.15 4.29 -13.70
CA GLU B 89 4.45 3.62 -14.96
C GLU B 89 4.17 4.53 -16.15
N VAL B 90 4.98 4.41 -17.20
CA VAL B 90 4.71 5.13 -18.43
C VAL B 90 3.32 4.76 -18.96
N LEU B 91 2.68 5.74 -19.61
CA LEU B 91 1.40 5.53 -20.25
C LEU B 91 1.59 4.99 -21.67
N GLY B 92 0.76 4.02 -22.03
CA GLY B 92 0.87 3.37 -23.31
C GLY B 92 0.09 4.00 -24.45
N PHE B 93 -0.16 5.30 -24.34
CA PHE B 93 -0.85 6.07 -25.35
C PHE B 93 -0.34 7.50 -25.28
N GLU B 94 -0.74 8.33 -26.25
CA GLU B 94 -0.46 9.76 -26.26
C GLU B 94 -1.49 10.46 -25.38
N PRO B 95 -1.13 10.90 -24.16
CA PRO B 95 -2.17 11.24 -23.17
C PRO B 95 -2.87 12.55 -23.41
N LEU B 96 -2.31 13.42 -24.26
CA LEU B 96 -2.93 14.68 -24.62
C LEU B 96 -3.22 14.75 -26.12
N LYS B 97 -3.45 13.59 -26.72
CA LYS B 97 -3.71 13.56 -28.15
C LYS B 97 -4.94 14.39 -28.51
N GLY B 98 -4.82 15.14 -29.60
CA GLY B 98 -6.00 15.81 -30.16
C GLY B 98 -6.50 16.93 -29.27
N ASP B 99 -7.81 16.97 -29.08
CA ASP B 99 -8.47 18.05 -28.34
C ASP B 99 -8.43 17.68 -26.86
N TRP B 100 -7.32 18.04 -26.21
CA TRP B 100 -7.07 17.58 -24.86
C TRP B 100 -7.54 18.61 -23.86
N GLY B 101 -7.66 18.18 -22.60
CA GLY B 101 -7.97 19.08 -21.52
C GLY B 101 -7.43 18.50 -20.23
N MET B 102 -7.40 19.34 -19.21
N MET B 102 -7.40 19.35 -19.20
CA MET B 102 -6.98 18.93 -17.88
CA MET B 102 -6.97 18.93 -17.88
C MET B 102 -7.84 19.61 -16.85
C MET B 102 -7.80 19.63 -16.82
N SER B 103 -8.23 18.86 -15.82
CA SER B 103 -8.98 19.38 -14.70
C SER B 103 -8.17 19.17 -13.42
N LEU B 104 -7.78 20.29 -12.76
CA LEU B 104 -7.00 20.25 -11.54
C LEU B 104 -7.92 20.39 -10.34
N PRO B 105 -7.78 19.54 -9.32
CA PRO B 105 -8.55 19.74 -8.08
C PRO B 105 -7.98 20.92 -7.29
N CYS B 106 -8.88 21.63 -6.62
CA CYS B 106 -8.53 22.87 -5.94
C CYS B 106 -9.40 23.09 -4.71
N PRO B 107 -8.82 23.50 -3.60
CA PRO B 107 -9.65 23.86 -2.43
C PRO B 107 -10.64 24.96 -2.76
N LYS B 108 -11.86 24.85 -2.22
CA LYS B 108 -12.91 25.81 -2.54
C LYS B 108 -12.46 27.24 -2.23
N GLU B 109 -11.69 27.40 -1.16
CA GLU B 109 -11.26 28.73 -0.74
C GLU B 109 -10.39 29.41 -1.78
N GLN B 110 -9.67 28.65 -2.61
CA GLN B 110 -8.73 29.22 -3.56
C GLN B 110 -9.21 29.14 -5.00
N LEU B 111 -10.42 28.63 -5.23
CA LEU B 111 -10.89 28.44 -6.60
C LEU B 111 -10.92 29.76 -7.37
N GLY B 112 -11.27 30.86 -6.70
CA GLY B 112 -11.38 32.12 -7.41
C GLY B 112 -10.06 32.55 -8.04
N TRP B 113 -9.01 32.59 -7.22
CA TRP B 113 -7.73 33.06 -7.75
C TRP B 113 -7.14 32.04 -8.72
N VAL B 114 -7.29 30.76 -8.41
CA VAL B 114 -6.70 29.71 -9.24
C VAL B 114 -7.32 29.68 -10.62
N GLN B 115 -8.66 29.73 -10.68
CA GLN B 115 -9.31 29.76 -11.99
C GLN B 115 -8.84 30.95 -12.81
N SER B 116 -8.71 32.12 -12.17
CA SER B 116 -8.26 33.31 -12.89
C SER B 116 -6.83 33.15 -13.38
N ALA B 117 -5.97 32.56 -12.55
CA ALA B 117 -4.56 32.43 -12.92
C ALA B 117 -4.39 31.44 -14.07
N LEU B 118 -5.16 30.35 -14.06
CA LEU B 118 -5.08 29.42 -15.17
C LEU B 118 -5.53 30.08 -16.48
N LYS B 119 -6.57 30.91 -16.41
CA LYS B 119 -7.13 31.47 -17.64
C LYS B 119 -6.12 32.36 -18.36
N LYS B 120 -5.16 32.92 -17.63
CA LYS B 120 -4.12 33.69 -18.29
C LYS B 120 -3.31 32.85 -19.27
N HIS B 121 -3.19 31.55 -19.02
CA HIS B 121 -2.31 30.69 -19.79
C HIS B 121 -3.05 29.70 -20.67
N SER B 122 -4.32 29.41 -20.40
CA SER B 122 -4.93 28.29 -21.07
C SER B 122 -6.44 28.34 -20.87
N SER B 123 -7.14 27.83 -21.88
CA SER B 123 -8.54 27.48 -21.77
C SER B 123 -8.71 26.00 -21.53
N ARG B 124 -7.70 25.19 -21.82
CA ARG B 124 -7.77 23.74 -21.74
C ARG B 124 -7.51 23.20 -20.33
N ILE B 125 -6.74 23.92 -19.54
CA ILE B 125 -6.42 23.55 -18.16
C ILE B 125 -7.33 24.33 -17.24
N ILE B 126 -8.22 23.64 -16.54
CA ILE B 126 -9.20 24.29 -15.68
C ILE B 126 -9.05 23.72 -14.28
N ALA B 127 -9.71 24.37 -13.34
CA ALA B 127 -9.70 23.92 -11.96
C ALA B 127 -11.13 23.70 -11.50
N ARG B 128 -11.30 22.76 -10.58
CA ARG B 128 -12.60 22.41 -10.03
C ARG B 128 -12.49 22.26 -8.53
N ASP B 129 -13.60 22.52 -7.84
CA ASP B 129 -13.68 22.26 -6.41
C ASP B 129 -13.36 20.81 -6.13
N LEU B 130 -12.39 20.57 -5.24
CA LEU B 130 -11.89 19.22 -5.05
C LEU B 130 -12.91 18.29 -4.39
N SER B 131 -14.00 18.82 -3.86
CA SER B 131 -15.05 17.99 -3.30
C SER B 131 -15.91 17.32 -4.38
N GLN B 132 -15.73 17.67 -5.65
CA GLN B 132 -16.61 17.18 -6.71
C GLN B 132 -15.83 16.44 -7.79
N THR C 3 -13.66 -2.90 20.04
CA THR C 3 -12.39 -2.48 19.43
C THR C 3 -11.85 -3.63 18.60
N VAL C 4 -11.53 -3.33 17.34
CA VAL C 4 -11.01 -4.32 16.39
C VAL C 4 -9.74 -3.74 15.80
N VAL C 5 -8.68 -4.54 15.74
CA VAL C 5 -7.43 -4.11 15.14
C VAL C 5 -7.05 -5.16 14.11
N SER C 6 -6.35 -4.73 13.07
CA SER C 6 -5.97 -5.62 11.98
C SER C 6 -4.46 -5.59 11.78
N ARG C 7 -3.93 -6.74 11.37
CA ARG C 7 -2.55 -6.91 11.00
C ARG C 7 -2.54 -7.69 9.70
N THR C 8 -1.47 -7.52 8.93
CA THR C 8 -1.31 -8.15 7.61
C THR C 8 0.11 -8.65 7.48
N PHE C 9 0.26 -9.95 7.27
CA PHE C 9 1.57 -10.56 7.26
C PHE C 9 1.98 -10.96 5.86
N ARG C 10 3.25 -10.78 5.57
CA ARG C 10 3.82 -11.25 4.30
C ARG C 10 4.02 -12.76 4.36
N SER C 11 3.30 -13.48 3.50
CA SER C 11 3.43 -14.93 3.45
C SER C 11 4.25 -15.33 2.23
N SER C 12 3.86 -16.42 1.58
CA SER C 12 4.67 -16.96 0.49
C SER C 12 4.67 -16.01 -0.71
N PRO C 13 5.81 -15.81 -1.38
CA PRO C 13 7.09 -16.50 -1.18
C PRO C 13 8.08 -15.84 -0.21
N HIS C 14 7.67 -14.75 0.43
CA HIS C 14 8.54 -14.11 1.41
C HIS C 14 8.78 -15.02 2.60
N ARG C 15 7.73 -15.66 3.10
CA ARG C 15 7.81 -16.68 4.13
C ARG C 15 7.07 -17.92 3.64
N ASP C 16 7.58 -19.10 3.99
CA ASP C 16 6.79 -20.27 3.66
C ASP C 16 5.60 -20.35 4.62
N ALA C 17 4.68 -21.27 4.36
CA ALA C 17 3.43 -21.27 5.11
C ALA C 17 3.65 -21.51 6.59
N LEU C 18 4.65 -22.30 6.95
CA LEU C 18 4.92 -22.59 8.36
C LEU C 18 5.57 -21.40 9.03
N GLN C 19 6.57 -20.79 8.38
CA GLN C 19 7.16 -19.55 8.90
C GLN C 19 6.10 -18.48 9.09
N THR C 20 5.08 -18.44 8.21
CA THR C 20 4.00 -17.46 8.34
C THR C 20 3.19 -17.73 9.60
N TRP C 21 2.80 -19.00 9.83
CA TRP C 21 2.11 -19.32 11.06
C TRP C 21 2.95 -18.96 12.28
N ASP C 22 4.24 -19.29 12.25
CA ASP C 22 5.10 -18.98 13.39
C ASP C 22 5.15 -17.48 13.66
N ALA C 23 5.14 -16.66 12.61
CA ALA C 23 5.18 -15.21 12.80
C ALA C 23 3.87 -14.72 13.41
N ILE C 24 2.76 -15.32 12.99
CA ILE C 24 1.46 -15.01 13.58
C ILE C 24 1.41 -15.44 15.03
N VAL C 25 1.92 -16.64 15.33
CA VAL C 25 1.94 -17.08 16.71
C VAL C 25 2.75 -16.11 17.56
N GLU C 26 3.89 -15.65 17.05
CA GLU C 26 4.70 -14.70 17.80
C GLU C 26 3.94 -13.40 18.04
N LEU C 27 3.22 -12.92 17.03
CA LEU C 27 2.42 -11.71 17.20
C LEU C 27 1.36 -11.89 18.28
N LEU C 28 0.67 -13.02 18.28
CA LEU C 28 -0.47 -13.17 19.17
C LEU C 28 -0.08 -13.59 20.58
N THR C 29 1.07 -14.23 20.75
CA THR C 29 1.52 -14.66 22.07
C THR C 29 2.60 -13.75 22.63
N GLN C 30 3.27 -12.97 21.77
CA GLN C 30 4.31 -12.04 22.21
C GLN C 30 5.43 -12.75 22.93
N GLY C 31 5.64 -14.02 22.59
CA GLY C 31 6.70 -14.81 23.19
C GLY C 31 6.36 -15.45 24.52
N LYS C 32 5.17 -15.21 25.07
CA LYS C 32 4.85 -15.74 26.40
C LYS C 32 4.32 -17.17 26.27
N ASP C 33 4.48 -17.95 27.35
CA ASP C 33 4.09 -19.35 27.37
C ASP C 33 2.74 -19.50 28.05
N GLY C 34 2.06 -20.59 27.71
CA GLY C 34 0.75 -20.89 28.27
C GLY C 34 -0.08 -21.67 27.28
N THR C 35 -1.36 -21.86 27.62
CA THR C 35 -2.25 -22.61 26.75
C THR C 35 -2.25 -22.02 25.34
N ALA C 36 -2.26 -20.68 25.24
CA ALA C 36 -2.38 -20.05 23.94
C ALA C 36 -1.22 -20.46 23.04
N ARG C 37 0.00 -20.21 23.48
CA ARG C 37 1.13 -20.55 22.64
C ARG C 37 1.15 -22.04 22.34
N SER C 38 0.85 -22.85 23.35
CA SER C 38 0.88 -24.29 23.18
C SER C 38 -0.17 -24.75 22.20
N GLU C 39 -1.41 -24.25 22.33
CA GLU C 39 -2.46 -24.71 21.43
C GLU C 39 -2.24 -24.20 20.01
N LEU C 40 -1.71 -22.97 19.87
CA LEU C 40 -1.45 -22.46 18.54
C LEU C 40 -0.35 -23.27 17.87
N ARG C 41 0.68 -23.65 18.62
CA ARG C 41 1.76 -24.42 18.02
C ARG C 41 1.30 -25.83 17.70
N ALA C 42 0.36 -26.36 18.49
CA ALA C 42 -0.12 -27.73 18.28
C ALA C 42 -0.88 -27.90 16.96
N VAL C 43 -1.49 -26.83 16.44
CA VAL C 43 -2.24 -26.92 15.18
C VAL C 43 -1.42 -26.44 13.99
N THR C 44 -0.08 -26.40 14.14
CA THR C 44 0.75 -25.81 13.08
C THR C 44 0.52 -26.46 11.73
N GLY C 45 0.46 -27.81 11.69
CA GLY C 45 0.26 -28.50 10.43
C GLY C 45 -1.01 -28.08 9.70
N VAL C 46 -2.11 -27.99 10.43
CA VAL C 46 -3.38 -27.57 9.83
C VAL C 46 -3.32 -26.10 9.42
N ALA C 47 -2.84 -25.25 10.31
CA ALA C 47 -2.79 -23.80 10.04
C ALA C 47 -1.92 -23.51 8.83
N ALA C 48 -0.74 -24.14 8.77
CA ALA C 48 0.15 -23.96 7.62
C ALA C 48 -0.49 -24.45 6.33
N SER C 49 -1.22 -25.56 6.38
CA SER C 49 -1.92 -26.05 5.20
C SER C 49 -2.87 -25.00 4.69
N LEU C 50 -3.58 -24.34 5.61
CA LEU C 50 -4.56 -23.33 5.21
C LEU C 50 -3.88 -22.11 4.61
N ILE C 51 -2.77 -21.70 5.21
CA ILE C 51 -2.02 -20.57 4.67
C ILE C 51 -1.47 -20.92 3.28
N ALA C 52 -0.98 -22.15 3.10
CA ALA C 52 -0.47 -22.55 1.78
C ALA C 52 -1.58 -22.51 0.74
N ASP C 53 -2.82 -22.72 1.14
CA ASP C 53 -3.95 -22.60 0.23
C ASP C 53 -4.53 -21.17 0.17
N GLN C 54 -3.82 -20.20 0.73
CA GLN C 54 -4.17 -18.78 0.70
C GLN C 54 -5.50 -18.47 1.36
N ALA C 55 -5.93 -19.34 2.27
CA ALA C 55 -7.19 -19.09 2.96
C ALA C 55 -7.26 -17.72 3.62
N PRO C 56 -6.18 -17.16 4.19
CA PRO C 56 -6.32 -15.86 4.87
C PRO C 56 -6.05 -14.66 3.97
N LYS C 57 -6.13 -14.84 2.64
CA LYS C 57 -5.88 -13.74 1.73
C LYS C 57 -7.01 -12.71 1.77
N SER C 58 -8.25 -13.18 1.74
CA SER C 58 -9.43 -12.32 1.70
C SER C 58 -10.31 -12.44 2.92
N ALA C 59 -10.18 -13.51 3.69
CA ALA C 59 -10.95 -13.74 4.90
C ALA C 59 -9.95 -13.83 6.05
N PRO C 60 -10.11 -13.07 7.12
CA PRO C 60 -9.04 -13.03 8.12
C PRO C 60 -9.08 -14.18 9.11
N ILE C 61 -7.89 -14.49 9.63
CA ILE C 61 -7.71 -15.21 10.89
C ILE C 61 -8.17 -14.26 11.98
N VAL C 62 -9.14 -14.68 12.79
CA VAL C 62 -9.70 -13.80 13.83
C VAL C 62 -9.41 -14.35 15.20
N ALA C 63 -8.78 -13.54 16.05
CA ALA C 63 -8.57 -13.88 17.45
C ALA C 63 -9.49 -13.05 18.33
N THR C 64 -10.06 -13.69 19.33
CA THR C 64 -10.88 -13.08 20.34
C THR C 64 -10.24 -13.29 21.70
N CYS C 65 -10.50 -12.35 22.61
CA CYS C 65 -9.86 -12.41 23.92
C CYS C 65 -10.61 -11.46 24.84
N ASP C 66 -10.16 -11.41 26.09
CA ASP C 66 -10.60 -10.36 27.03
C ASP C 66 -9.90 -9.07 26.64
N GLY C 67 -10.42 -8.43 25.60
CA GLY C 67 -9.80 -7.27 25.02
C GLY C 67 -10.16 -7.16 23.56
N PRO C 68 -9.37 -6.42 22.79
CA PRO C 68 -9.75 -6.19 21.39
C PRO C 68 -9.64 -7.47 20.57
N ARG C 69 -10.51 -7.56 19.57
CA ARG C 69 -10.43 -8.57 18.52
C ARG C 69 -9.32 -8.23 17.53
N THR C 70 -8.59 -9.24 17.09
CA THR C 70 -7.52 -9.06 16.14
C THR C 70 -7.88 -9.81 14.85
N ARG C 71 -7.84 -9.12 13.73
CA ARG C 71 -8.01 -9.72 12.42
C ARG C 71 -6.66 -9.76 11.72
N ILE C 72 -6.25 -10.94 11.24
CA ILE C 72 -4.95 -11.10 10.62
C ILE C 72 -5.16 -11.60 9.19
N TYR C 73 -4.66 -10.84 8.24
CA TYR C 73 -4.66 -11.17 6.82
C TYR C 73 -3.25 -11.60 6.44
N CYS C 74 -3.16 -12.33 5.33
CA CYS C 74 -1.88 -12.75 4.75
C CYS C 74 -1.78 -12.23 3.33
N LEU C 75 -0.59 -11.76 2.97
CA LEU C 75 -0.24 -11.34 1.62
C LEU C 75 0.55 -12.44 0.94
N PHE C 76 0.32 -12.59 -0.37
CA PHE C 76 0.97 -13.64 -1.13
C PHE C 76 1.55 -13.05 -2.40
N ASP C 77 2.52 -13.76 -2.96
CA ASP C 77 3.02 -13.51 -4.32
C ASP C 77 3.49 -12.07 -4.39
N GLU C 78 3.08 -11.28 -5.38
CA GLU C 78 3.65 -9.95 -5.55
C GLU C 78 3.48 -9.10 -4.29
N ASP C 79 2.30 -9.17 -3.65
CA ASP C 79 2.09 -8.41 -2.43
C ASP C 79 3.08 -8.82 -1.34
N ALA C 80 3.38 -10.12 -1.25
CA ALA C 80 4.31 -10.56 -0.23
C ALA C 80 5.74 -10.16 -0.54
N ILE C 81 6.09 -10.10 -1.83
CA ILE C 81 7.47 -9.77 -2.20
C ILE C 81 7.76 -8.31 -1.91
N ASP C 82 6.87 -7.40 -2.32
CA ASP C 82 7.12 -5.98 -2.11
C ASP C 82 6.73 -5.54 -0.70
N GLY C 83 5.76 -6.21 -0.08
CA GLY C 83 5.40 -5.88 1.27
C GLY C 83 4.67 -4.56 1.42
N ASP C 84 4.15 -4.01 0.31
CA ASP C 84 3.55 -2.69 0.35
C ASP C 84 2.46 -2.58 1.41
N ASP C 85 1.56 -3.56 1.46
CA ASP C 85 0.39 -3.52 2.33
C ASP C 85 0.60 -4.26 3.66
N ALA C 86 1.82 -4.56 4.02
CA ALA C 86 2.08 -5.31 5.23
C ALA C 86 1.92 -4.45 6.47
N ASN C 87 1.51 -5.10 7.57
CA ASN C 87 1.40 -4.45 8.86
C ASN C 87 1.63 -5.52 9.93
N GLU C 88 2.87 -5.64 10.42
CA GLU C 88 3.24 -6.68 11.37
C GLU C 88 3.65 -6.11 12.71
N GLU C 89 3.19 -4.91 13.04
CA GLU C 89 3.61 -4.23 14.26
C GLU C 89 3.11 -4.94 15.51
N VAL C 90 3.97 -4.97 16.53
CA VAL C 90 3.57 -5.51 17.82
C VAL C 90 2.26 -4.89 18.29
N LEU C 91 1.41 -5.71 18.90
CA LEU C 91 0.14 -5.25 19.42
C LEU C 91 0.30 -4.67 20.83
N GLY C 92 -0.47 -3.64 21.13
CA GLY C 92 -0.40 -2.93 22.39
C GLY C 92 -1.26 -3.51 23.48
N PHE C 93 -1.73 -4.73 23.31
CA PHE C 93 -2.56 -5.41 24.27
C PHE C 93 -2.16 -6.88 24.24
N GLU C 94 -2.66 -7.65 25.22
CA GLU C 94 -2.44 -9.10 25.27
C GLU C 94 -3.49 -9.74 24.37
N PRO C 95 -3.13 -10.18 23.17
CA PRO C 95 -4.16 -10.52 22.16
C PRO C 95 -4.90 -11.82 22.44
N LEU C 96 -4.38 -12.69 23.32
CA LEU C 96 -5.05 -13.93 23.67
C LEU C 96 -5.33 -14.02 25.18
N LYS C 97 -5.51 -12.88 25.81
CA LYS C 97 -5.79 -12.85 27.24
C LYS C 97 -7.13 -13.51 27.56
N GLY C 98 -7.15 -14.28 28.64
CA GLY C 98 -8.41 -14.79 29.16
C GLY C 98 -8.97 -15.92 28.34
N ASP C 99 -10.30 -15.92 28.17
CA ASP C 99 -10.98 -17.01 27.46
C ASP C 99 -10.90 -16.74 25.96
N TRP C 100 -9.74 -17.04 25.39
CA TRP C 100 -9.46 -16.65 24.01
C TRP C 100 -10.01 -17.68 23.03
N GLY C 101 -10.11 -17.25 21.78
CA GLY C 101 -10.53 -18.14 20.71
C GLY C 101 -9.91 -17.65 19.42
N MET C 102 -9.94 -18.51 18.42
CA MET C 102 -9.38 -18.19 17.12
C MET C 102 -10.23 -18.85 16.05
N SER C 103 -10.58 -18.10 15.01
CA SER C 103 -11.34 -18.59 13.87
C SER C 103 -10.46 -18.57 12.64
N LEU C 104 -10.21 -19.70 12.09
CA LEU C 104 -9.34 -19.83 10.89
C LEU C 104 -10.18 -19.97 9.63
N PRO C 105 -9.94 -19.16 8.59
CA PRO C 105 -10.65 -19.35 7.33
C PRO C 105 -10.18 -20.62 6.64
N CYS C 106 -11.15 -21.28 5.97
CA CYS C 106 -10.87 -22.59 5.35
C CYS C 106 -11.71 -22.79 4.10
N PRO C 107 -11.11 -23.27 3.02
CA PRO C 107 -11.89 -23.59 1.83
C PRO C 107 -12.98 -24.60 2.14
N LYS C 108 -14.17 -24.36 1.60
CA LYS C 108 -15.32 -25.21 1.90
C LYS C 108 -14.99 -26.68 1.66
N GLU C 109 -14.21 -26.98 0.62
CA GLU C 109 -13.94 -28.38 0.26
C GLU C 109 -13.11 -29.12 1.31
N GLN C 110 -12.35 -28.38 2.13
CA GLN C 110 -11.49 -28.97 3.13
C GLN C 110 -12.02 -28.83 4.53
N LEU C 111 -13.19 -28.21 4.71
CA LEU C 111 -13.68 -27.93 6.05
C LEU C 111 -13.85 -29.21 6.85
N GLY C 112 -14.31 -30.28 6.19
CA GLY C 112 -14.50 -31.53 6.91
C GLY C 112 -13.26 -32.05 7.61
N TRP C 113 -12.18 -32.22 6.85
CA TRP C 113 -10.97 -32.76 7.47
C TRP C 113 -10.35 -31.75 8.42
N VAL C 114 -10.42 -30.46 8.09
CA VAL C 114 -9.76 -29.44 8.91
C VAL C 114 -10.43 -29.36 10.26
N GLN C 115 -11.75 -29.37 10.30
CA GLN C 115 -12.45 -29.24 11.57
C GLN C 115 -12.16 -30.44 12.46
N SER C 116 -12.11 -31.64 11.88
CA SER C 116 -11.77 -32.82 12.67
C SER C 116 -10.33 -32.76 13.17
N ALA C 117 -9.40 -32.28 12.33
CA ALA C 117 -8.01 -32.18 12.73
C ALA C 117 -7.81 -31.16 13.85
N LEU C 118 -8.46 -30.01 13.77
CA LEU C 118 -8.33 -29.03 14.84
C LEU C 118 -8.90 -29.55 16.15
N LYS C 119 -10.00 -30.29 16.07
CA LYS C 119 -10.71 -30.74 17.26
C LYS C 119 -9.84 -31.65 18.13
N LYS C 120 -8.86 -32.31 17.51
CA LYS C 120 -7.95 -33.15 18.27
C LYS C 120 -7.16 -32.35 19.28
N HIS C 121 -6.86 -31.09 18.97
CA HIS C 121 -5.89 -30.28 19.69
C HIS C 121 -6.50 -29.21 20.55
N SER C 122 -7.70 -28.74 20.23
CA SER C 122 -8.18 -27.52 20.84
C SER C 122 -9.67 -27.40 20.58
N SER C 123 -10.37 -26.84 21.58
CA SER C 123 -11.74 -26.37 21.42
C SER C 123 -11.80 -24.85 21.24
N ARG C 124 -10.67 -24.17 21.31
CA ARG C 124 -10.60 -22.74 21.15
C ARG C 124 -10.26 -22.29 19.73
N ILE C 125 -9.69 -23.17 18.92
CA ILE C 125 -9.29 -22.89 17.55
C ILE C 125 -10.22 -23.67 16.66
N ILE C 126 -10.98 -22.95 15.85
CA ILE C 126 -11.98 -23.55 14.97
C ILE C 126 -11.75 -23.00 13.56
N ALA C 127 -12.33 -23.68 12.58
CA ALA C 127 -12.27 -23.26 11.19
C ALA C 127 -13.66 -22.92 10.71
N ARG C 128 -13.74 -21.94 9.82
CA ARG C 128 -14.99 -21.54 9.19
C ARG C 128 -14.83 -21.55 7.67
N ASP C 129 -15.95 -21.73 6.98
CA ASP C 129 -15.97 -21.62 5.52
C ASP C 129 -15.58 -20.21 5.10
N LEU C 130 -14.50 -20.09 4.33
CA LEU C 130 -13.99 -18.77 4.00
C LEU C 130 -14.89 -18.00 3.04
N SER C 131 -15.79 -18.69 2.34
CA SER C 131 -16.71 -18.00 1.44
C SER C 131 -17.69 -17.13 2.23
N GLN C 132 -18.18 -17.64 3.35
CA GLN C 132 -19.09 -16.90 4.21
C GLN C 132 -18.40 -15.74 4.93
N THR D 2 15.55 -2.52 -16.24
CA THR D 2 15.62 -2.29 -14.80
C THR D 2 14.22 -2.19 -14.21
N THR D 3 13.31 -1.58 -14.99
CA THR D 3 11.93 -1.44 -14.54
C THR D 3 11.23 -2.81 -14.58
N VAL D 4 10.47 -3.10 -13.53
CA VAL D 4 9.68 -4.33 -13.42
C VAL D 4 8.22 -3.95 -13.20
N VAL D 5 7.33 -4.52 -14.00
CA VAL D 5 5.90 -4.23 -13.92
C VAL D 5 5.14 -5.54 -13.82
N SER D 6 3.97 -5.49 -13.19
CA SER D 6 3.16 -6.68 -13.03
C SER D 6 1.75 -6.42 -13.55
N ARG D 7 1.13 -7.50 -14.00
CA ARG D 7 -0.25 -7.52 -14.45
C ARG D 7 -0.89 -8.79 -13.94
N THR D 8 -2.22 -8.78 -13.85
CA THR D 8 -2.98 -9.88 -13.27
C THR D 8 -4.24 -10.06 -14.10
N PHE D 9 -4.40 -11.25 -14.67
CA PHE D 9 -5.53 -11.53 -15.56
C PHE D 9 -6.56 -12.42 -14.88
N ARG D 10 -7.83 -12.12 -15.12
CA ARG D 10 -8.90 -12.97 -14.66
C ARG D 10 -8.98 -14.21 -15.56
N SER D 11 -8.75 -15.37 -14.98
CA SER D 11 -8.80 -16.61 -15.74
C SER D 11 -10.07 -17.37 -15.39
N SER D 12 -9.97 -18.70 -15.34
CA SER D 12 -11.17 -19.51 -15.18
C SER D 12 -11.82 -19.23 -13.82
N PRO D 13 -13.16 -19.18 -13.74
CA PRO D 13 -14.14 -19.40 -14.81
C PRO D 13 -14.55 -18.17 -15.63
N HIS D 14 -13.95 -17.02 -15.34
CA HIS D 14 -14.26 -15.82 -16.10
C HIS D 14 -13.81 -15.95 -17.55
N ARG D 15 -12.62 -16.50 -17.76
CA ARG D 15 -12.07 -16.82 -19.07
C ARG D 15 -11.62 -18.27 -19.05
N ASP D 16 -11.84 -19.02 -20.14
CA ASP D 16 -11.27 -20.36 -20.16
C ASP D 16 -9.76 -20.25 -20.41
N ALA D 17 -9.07 -21.38 -20.25
CA ALA D 17 -7.62 -21.33 -20.21
C ALA D 17 -7.04 -20.79 -21.51
N LEU D 18 -7.66 -21.12 -22.65
CA LEU D 18 -7.16 -20.64 -23.93
C LEU D 18 -7.45 -19.15 -24.11
N GLN D 19 -8.65 -18.71 -23.72
CA GLN D 19 -8.98 -17.29 -23.77
C GLN D 19 -8.04 -16.46 -22.89
N THR D 20 -7.64 -17.04 -21.75
CA THR D 20 -6.67 -16.37 -20.89
C THR D 20 -5.35 -16.17 -21.62
N TRP D 21 -4.85 -17.24 -22.28
CA TRP D 21 -3.59 -17.12 -22.99
C TRP D 21 -3.70 -16.06 -24.10
N ASP D 22 -4.79 -16.10 -24.87
CA ASP D 22 -4.94 -15.12 -25.95
C ASP D 22 -4.92 -13.71 -25.39
N ALA D 23 -5.55 -13.49 -24.23
CA ALA D 23 -5.53 -12.16 -23.65
C ALA D 23 -4.12 -11.75 -23.26
N ILE D 24 -3.34 -12.68 -22.72
CA ILE D 24 -1.96 -12.41 -22.37
C ILE D 24 -1.14 -12.11 -23.60
N VAL D 25 -1.32 -12.90 -24.67
CA VAL D 25 -0.61 -12.64 -25.91
C VAL D 25 -0.91 -11.24 -26.42
N GLU D 26 -2.17 -10.84 -26.37
CA GLU D 26 -2.53 -9.50 -26.82
C GLU D 26 -1.81 -8.43 -25.99
N LEU D 27 -1.82 -8.61 -24.66
CA LEU D 27 -1.10 -7.68 -23.79
C LEU D 27 0.37 -7.57 -24.17
N LEU D 28 1.04 -8.71 -24.41
CA LEU D 28 2.47 -8.68 -24.63
C LEU D 28 2.86 -8.29 -26.05
N THR D 29 2.00 -8.53 -27.04
CA THR D 29 2.34 -8.19 -28.40
C THR D 29 1.70 -6.90 -28.86
N GLN D 30 0.65 -6.44 -28.18
CA GLN D 30 -0.03 -5.20 -28.50
C GLN D 30 -0.53 -5.20 -29.93
N GLY D 31 -0.90 -6.37 -30.44
CA GLY D 31 -1.43 -6.49 -31.80
C GLY D 31 -0.39 -6.49 -32.91
N LYS D 32 0.90 -6.44 -32.59
CA LYS D 32 1.94 -6.37 -33.60
C LYS D 32 2.39 -7.76 -34.01
N ASP D 33 2.92 -7.87 -35.24
CA ASP D 33 3.34 -9.14 -35.80
C ASP D 33 4.86 -9.31 -35.76
N GLY D 34 5.29 -10.55 -35.69
CA GLY D 34 6.70 -10.86 -35.64
C GLY D 34 6.93 -12.21 -34.99
N THR D 35 8.21 -12.48 -34.69
CA THR D 35 8.53 -13.73 -33.98
C THR D 35 7.76 -13.84 -32.67
N ALA D 36 7.54 -12.71 -31.99
CA ALA D 36 6.94 -12.76 -30.66
C ALA D 36 5.51 -13.29 -30.72
N ARG D 37 4.64 -12.61 -31.47
CA ARG D 37 3.27 -13.08 -31.57
C ARG D 37 3.22 -14.48 -32.13
N SER D 38 4.06 -14.76 -33.14
CA SER D 38 4.05 -16.08 -33.77
C SER D 38 4.45 -17.16 -32.79
N GLU D 39 5.54 -16.95 -32.03
CA GLU D 39 5.98 -17.99 -31.12
C GLU D 39 5.03 -18.11 -29.94
N LEU D 40 4.48 -17.00 -29.46
CA LEU D 40 3.52 -17.10 -28.37
C LEU D 40 2.27 -17.87 -28.81
N ARG D 41 1.80 -17.65 -30.03
CA ARG D 41 0.63 -18.39 -30.47
C ARG D 41 0.96 -19.86 -30.74
N ALA D 42 2.19 -20.14 -31.16
CA ALA D 42 2.57 -21.52 -31.45
C ALA D 42 2.53 -22.42 -30.21
N VAL D 43 2.76 -21.87 -29.03
CA VAL D 43 2.80 -22.68 -27.80
C VAL D 43 1.47 -22.64 -27.05
N THR D 44 0.40 -22.25 -27.72
CA THR D 44 -0.86 -22.07 -27.03
C THR D 44 -1.34 -23.33 -26.32
N GLY D 45 -1.22 -24.49 -26.96
CA GLY D 45 -1.68 -25.71 -26.30
C GLY D 45 -0.97 -25.94 -24.97
N VAL D 46 0.36 -25.81 -24.97
CA VAL D 46 1.10 -25.97 -23.72
C VAL D 46 0.73 -24.88 -22.73
N ALA D 47 0.70 -23.62 -23.18
CA ALA D 47 0.45 -22.51 -22.26
C ALA D 47 -0.93 -22.61 -21.63
N ALA D 48 -1.94 -22.95 -22.42
CA ALA D 48 -3.30 -23.11 -21.91
C ALA D 48 -3.38 -24.29 -20.94
N SER D 49 -2.64 -25.37 -21.19
CA SER D 49 -2.64 -26.48 -20.26
C SER D 49 -2.13 -26.04 -18.90
N LEU D 50 -1.11 -25.18 -18.91
CA LEU D 50 -0.53 -24.72 -17.66
C LEU D 50 -1.48 -23.78 -16.93
N ILE D 51 -2.18 -22.92 -17.68
CA ILE D 51 -3.15 -22.04 -17.05
C ILE D 51 -4.29 -22.87 -16.49
N ALA D 52 -4.72 -23.91 -17.21
CA ALA D 52 -5.76 -24.81 -16.69
C ALA D 52 -5.36 -25.46 -15.36
N ASP D 53 -4.06 -25.70 -15.16
CA ASP D 53 -3.57 -26.24 -13.90
C ASP D 53 -3.20 -25.14 -12.89
N GLN D 54 -3.59 -23.90 -13.16
CA GLN D 54 -3.41 -22.75 -12.26
C GLN D 54 -1.93 -22.50 -11.97
N ALA D 55 -1.05 -22.88 -12.90
CA ALA D 55 0.37 -22.64 -12.68
C ALA D 55 0.68 -21.17 -12.45
N PRO D 56 0.06 -20.19 -13.15
CA PRO D 56 0.42 -18.79 -12.92
C PRO D 56 -0.32 -18.13 -11.75
N LYS D 57 -0.94 -18.91 -10.86
CA LYS D 57 -1.65 -18.29 -9.75
C LYS D 57 -0.67 -17.60 -8.81
N SER D 58 0.41 -18.26 -8.45
CA SER D 58 1.37 -17.76 -7.48
C SER D 58 2.78 -17.61 -8.02
N ALA D 59 3.07 -18.17 -9.17
CA ALA D 59 4.38 -18.05 -9.83
C ALA D 59 4.11 -17.37 -11.17
N PRO D 60 4.69 -16.22 -11.46
CA PRO D 60 4.25 -15.49 -12.66
C PRO D 60 4.82 -16.02 -13.96
N ILE D 61 4.06 -15.78 -15.02
CA ILE D 61 4.61 -15.74 -16.37
C ILE D 61 5.49 -14.51 -16.48
N VAL D 62 6.75 -14.71 -16.86
CA VAL D 62 7.71 -13.60 -16.86
C VAL D 62 8.17 -13.34 -18.29
N ALA D 63 7.98 -12.12 -18.77
CA ALA D 63 8.51 -11.69 -20.06
C ALA D 63 9.72 -10.79 -19.84
N THR D 64 10.78 -11.04 -20.60
CA THR D 64 11.96 -10.18 -20.63
C THR D 64 12.16 -9.62 -22.04
N CYS D 65 12.81 -8.47 -22.12
CA CYS D 65 12.98 -7.83 -23.42
C CYS D 65 14.08 -6.79 -23.30
N ASP D 66 14.40 -6.16 -24.43
CA ASP D 66 15.25 -4.96 -24.43
C ASP D 66 14.40 -3.83 -23.87
N GLY D 67 14.28 -3.83 -22.55
CA GLY D 67 13.34 -2.99 -21.86
C GLY D 67 12.87 -3.59 -20.55
N PRO D 68 11.74 -3.10 -20.04
CA PRO D 68 11.26 -3.56 -18.74
C PRO D 68 10.82 -5.02 -18.75
N ARG D 69 10.88 -5.63 -17.57
CA ARG D 69 10.41 -6.99 -17.32
C ARG D 69 8.95 -6.97 -16.90
N THR D 70 8.19 -7.94 -17.38
CA THR D 70 6.75 -8.02 -17.09
C THR D 70 6.46 -9.34 -16.39
N ARG D 71 5.81 -9.25 -15.23
CA ARG D 71 5.34 -10.42 -14.48
C ARG D 71 3.82 -10.50 -14.56
N ILE D 72 3.32 -11.62 -15.05
CA ILE D 72 1.90 -11.81 -15.25
C ILE D 72 1.38 -12.95 -14.39
N TYR D 73 0.38 -12.64 -13.58
CA TYR D 73 -0.32 -13.60 -12.75
C TYR D 73 -1.73 -13.82 -13.29
N CYS D 74 -2.33 -14.91 -12.85
CA CYS D 74 -3.71 -15.23 -13.20
C CYS D 74 -4.54 -15.43 -11.94
N LEU D 75 -5.79 -14.98 -11.99
CA LEU D 75 -6.76 -15.20 -10.93
C LEU D 75 -7.70 -16.32 -11.34
N PHE D 76 -8.10 -17.14 -10.37
CA PHE D 76 -8.97 -18.26 -10.61
C PHE D 76 -10.11 -18.28 -9.60
N ASP D 77 -11.20 -18.94 -10.00
CA ASP D 77 -12.32 -19.27 -9.12
C ASP D 77 -12.84 -17.98 -8.51
N GLU D 78 -13.06 -17.91 -7.20
CA GLU D 78 -13.73 -16.75 -6.62
C GLU D 78 -12.93 -15.47 -6.83
N ASP D 79 -11.59 -15.56 -6.90
CA ASP D 79 -10.79 -14.38 -7.20
C ASP D 79 -11.06 -13.86 -8.60
N ALA D 80 -11.30 -14.76 -9.55
CA ALA D 80 -11.52 -14.38 -10.94
C ALA D 80 -12.91 -13.82 -11.15
N ILE D 81 -13.91 -14.44 -10.53
CA ILE D 81 -15.28 -13.94 -10.63
C ILE D 81 -15.37 -12.52 -10.07
N ASP D 82 -14.78 -12.30 -8.89
CA ASP D 82 -14.83 -10.99 -8.27
C ASP D 82 -14.01 -9.97 -9.08
N GLY D 83 -12.79 -10.34 -9.47
CA GLY D 83 -11.96 -9.48 -10.28
C GLY D 83 -11.32 -8.32 -9.56
N ASP D 84 -11.37 -8.29 -8.23
CA ASP D 84 -10.89 -7.11 -7.51
C ASP D 84 -9.39 -6.93 -7.66
N ASP D 85 -8.63 -8.02 -7.71
CA ASP D 85 -7.18 -7.94 -7.82
C ASP D 85 -6.69 -7.87 -9.27
N ALA D 86 -7.59 -7.76 -10.23
CA ALA D 86 -7.21 -7.80 -11.63
C ALA D 86 -6.54 -6.50 -12.05
N ASN D 87 -5.61 -6.61 -12.98
CA ASN D 87 -4.95 -5.45 -13.58
C ASN D 87 -4.49 -5.85 -14.98
N GLU D 88 -5.27 -5.46 -15.99
CA GLU D 88 -5.04 -5.83 -17.38
C GLU D 88 -4.72 -4.62 -18.25
N GLU D 89 -4.20 -3.56 -17.66
CA GLU D 89 -3.96 -2.33 -18.40
C GLU D 89 -2.86 -2.51 -19.45
N VAL D 90 -3.02 -1.80 -20.56
CA VAL D 90 -2.01 -1.78 -21.61
C VAL D 90 -0.67 -1.31 -21.06
N LEU D 91 0.41 -1.89 -21.59
CA LEU D 91 1.76 -1.57 -21.16
C LEU D 91 2.30 -0.39 -21.96
N GLY D 92 3.11 0.44 -21.30
CA GLY D 92 3.62 1.66 -21.90
C GLY D 92 4.97 1.48 -22.54
N PHE D 93 5.30 0.23 -22.87
CA PHE D 93 6.55 -0.09 -23.54
C PHE D 93 6.28 -1.28 -24.46
N GLU D 94 7.24 -1.55 -25.34
CA GLU D 94 7.14 -2.72 -26.19
C GLU D 94 7.63 -3.91 -25.36
N PRO D 95 6.73 -4.75 -24.86
CA PRO D 95 7.13 -5.74 -23.84
C PRO D 95 7.98 -6.88 -24.36
N LEU D 96 8.02 -7.10 -25.67
CA LEU D 96 8.84 -8.15 -26.26
C LEU D 96 9.83 -7.60 -27.27
N LYS D 97 10.28 -6.37 -27.07
CA LYS D 97 11.25 -5.73 -27.95
C LYS D 97 12.60 -6.45 -27.92
N GLY D 98 13.21 -6.57 -29.08
CA GLY D 98 14.56 -7.09 -29.15
C GLY D 98 14.63 -8.58 -28.85
N ASP D 99 15.69 -8.97 -28.13
CA ASP D 99 15.93 -10.37 -27.78
C ASP D 99 15.06 -10.70 -26.58
N TRP D 100 13.80 -11.02 -26.85
CA TRP D 100 12.82 -11.25 -25.80
C TRP D 100 12.85 -12.72 -25.37
N GLY D 101 12.33 -12.95 -24.18
CA GLY D 101 12.20 -14.30 -23.64
C GLY D 101 10.98 -14.37 -22.75
N MET D 102 10.56 -15.59 -22.47
CA MET D 102 9.40 -15.78 -21.61
C MET D 102 9.63 -17.03 -20.78
N SER D 103 9.37 -16.91 -19.50
CA SER D 103 9.47 -18.03 -18.58
C SER D 103 8.08 -18.39 -18.09
N LEU D 104 7.63 -19.61 -18.38
CA LEU D 104 6.31 -20.09 -17.97
C LEU D 104 6.41 -20.94 -16.71
N PRO D 105 5.60 -20.67 -15.69
CA PRO D 105 5.60 -21.55 -14.50
C PRO D 105 4.93 -22.86 -14.81
N CYS D 106 5.41 -23.92 -14.17
CA CYS D 106 4.91 -25.26 -14.41
C CYS D 106 5.10 -26.18 -13.23
N PRO D 107 4.09 -26.94 -12.84
CA PRO D 107 4.29 -27.88 -11.74
C PRO D 107 5.43 -28.82 -12.06
N LYS D 108 6.27 -29.10 -11.06
CA LYS D 108 7.42 -29.98 -11.27
C LYS D 108 7.04 -31.27 -11.97
N GLU D 109 5.91 -31.87 -11.59
CA GLU D 109 5.51 -33.16 -12.13
C GLU D 109 5.37 -33.15 -13.66
N GLN D 110 5.04 -32.00 -14.25
CA GLN D 110 4.77 -31.89 -15.67
C GLN D 110 5.92 -31.25 -16.43
N LEU D 111 6.99 -30.84 -15.74
CA LEU D 111 8.05 -30.10 -16.39
C LEU D 111 8.69 -30.92 -17.49
N GLY D 112 8.83 -32.23 -17.27
CA GLY D 112 9.42 -33.10 -18.26
C GLY D 112 8.75 -32.99 -19.62
N TRP D 113 7.44 -33.19 -19.68
CA TRP D 113 6.77 -33.11 -20.97
C TRP D 113 6.63 -31.67 -21.45
N VAL D 114 6.43 -30.73 -20.54
CA VAL D 114 6.19 -29.35 -20.95
C VAL D 114 7.44 -28.76 -21.61
N GLN D 115 8.60 -28.98 -21.00
CA GLN D 115 9.84 -28.45 -21.57
C GLN D 115 10.10 -29.07 -22.95
N SER D 116 9.80 -30.36 -23.11
CA SER D 116 9.97 -30.97 -24.42
C SER D 116 8.99 -30.37 -25.41
N ALA D 117 7.75 -30.15 -25.00
CA ALA D 117 6.75 -29.59 -25.91
C ALA D 117 7.14 -28.18 -26.37
N LEU D 118 7.64 -27.37 -25.44
CA LEU D 118 8.04 -26.00 -25.80
C LEU D 118 9.23 -26.00 -26.75
N LYS D 119 10.15 -26.94 -26.56
CA LYS D 119 11.37 -26.95 -27.37
C LYS D 119 11.06 -27.10 -28.84
N LYS D 120 9.94 -27.75 -29.16
CA LYS D 120 9.56 -27.89 -30.57
C LYS D 120 9.36 -26.54 -31.23
N HIS D 121 8.86 -25.56 -30.48
CA HIS D 121 8.36 -24.32 -31.06
C HIS D 121 9.28 -23.13 -30.85
N SER D 122 10.15 -23.18 -29.85
CA SER D 122 10.82 -21.95 -29.46
C SER D 122 12.01 -22.29 -28.58
N SER D 123 13.05 -21.47 -28.72
CA SER D 123 14.14 -21.40 -27.76
C SER D 123 14.00 -20.19 -26.84
N ARG D 124 13.00 -19.34 -27.08
CA ARG D 124 12.77 -18.14 -26.28
C ARG D 124 11.76 -18.34 -25.17
N ILE D 125 10.90 -19.36 -25.30
CA ILE D 125 9.85 -19.66 -24.33
C ILE D 125 10.24 -20.93 -23.61
N ILE D 126 10.48 -20.81 -22.32
CA ILE D 126 10.93 -21.93 -21.53
C ILE D 126 9.99 -22.06 -20.33
N ALA D 127 10.06 -23.21 -19.69
CA ALA D 127 9.26 -23.49 -18.51
C ALA D 127 10.21 -23.67 -17.32
N ARG D 128 9.71 -23.29 -16.15
CA ARG D 128 10.40 -23.46 -14.89
C ARG D 128 9.44 -24.06 -13.87
N ASP D 129 9.98 -24.72 -12.87
CA ASP D 129 9.12 -25.23 -11.81
C ASP D 129 8.68 -24.06 -10.95
N LEU D 130 7.49 -24.17 -10.39
CA LEU D 130 6.89 -23.01 -9.75
C LEU D 130 7.33 -22.82 -8.31
N SER D 131 8.31 -23.59 -7.84
CA SER D 131 8.86 -23.40 -6.50
C SER D 131 10.08 -22.51 -6.57
#